data_4UFD
#
_entry.id   4UFD
#
_cell.length_a   70.000
_cell.length_b   71.600
_cell.length_c   71.900
_cell.angle_alpha   90.00
_cell.angle_beta   100.00
_cell.angle_gamma   90.00
#
_symmetry.space_group_name_H-M   'C 1 2 1'
#
loop_
_entity.id
_entity.type
_entity.pdbx_description
1 polymer 'THROMBIN HEAVY CHAIN'
2 polymer 'HIRUDIN VARIANT-2'
3 polymer 'THROMBIN LIGHT CHAIN'
4 non-polymer 2-acetamido-2-deoxy-beta-D-glucopyranose
5 non-polymer 'SODIUM ION'
6 non-polymer GLYCEROL
7 non-polymer (2S)-N-[(4-carbamimidoylphenyl)methyl]-1-[(2R)-3-phenyl-2-[(phenylmethyl)sulfonylamino]propanoyl]pyrrolidine-2-carboxamide
8 non-polymer 'PHOSPHATE ION'
9 water water
#
loop_
_entity_poly.entity_id
_entity_poly.type
_entity_poly.pdbx_seq_one_letter_code
_entity_poly.pdbx_strand_id
1 'polypeptide(L)'
;IVEGSDAEIGMSPWQVMLFRKSPQELLCGASLISDRWVLTAAHCLLYPPWDKNFTENDLLVRIGKHSRTRYERNIEKISM
LEKIYIHPRYNWRENLDRDIALMKLKKPVAFSDYIHPVCLPDRETAASLLQAGYKGRVTGWGNLKETWTANVGKGQPSVL
QVVNLPIVERPVCKDSTRIRITDNMFCAGYKPDEGKRGDACEGDSGGPFVMKSPFNNRWYQMGIVSWGEGCDRDGKYGFY
THVFRLKKWIQKVIDQFG
;
H
2 'polypeptide(L)' GDFEEIPEE(TYS)LQ I
3 'polypeptide(L)' EADCGLRPLFEKKSLEDKTERELLESYID L
#
# COMPACT_ATOMS: atom_id res chain seq x y z
N ILE A 1 -8.30 -6.73 4.39
CA ILE A 1 -8.82 -5.57 5.10
C ILE A 1 -9.97 -5.98 5.99
N VAL A 2 -9.88 -5.62 7.28
CA VAL A 2 -10.92 -5.96 8.25
C VAL A 2 -11.80 -4.74 8.50
N GLU A 3 -13.11 -4.96 8.45
CA GLU A 3 -14.09 -3.90 8.71
C GLU A 3 -14.01 -2.75 7.72
N GLY A 4 -13.65 -3.07 6.48
CA GLY A 4 -13.68 -2.12 5.38
C GLY A 4 -14.92 -2.34 4.53
N SER A 5 -14.86 -1.87 3.29
CA SER A 5 -15.96 -2.03 2.36
C SER A 5 -15.41 -2.29 0.95
N ASP A 6 -16.29 -2.67 0.03
CA ASP A 6 -15.87 -2.86 -1.36
C ASP A 6 -15.41 -1.55 -1.95
N ALA A 7 -14.28 -1.58 -2.64
CA ALA A 7 -13.82 -0.42 -3.40
C ALA A 7 -14.78 -0.12 -4.55
N GLU A 8 -14.84 1.15 -4.94
CA GLU A 8 -15.50 1.53 -6.18
C GLU A 8 -14.60 1.19 -7.37
N ILE A 9 -15.20 1.03 -8.55
CA ILE A 9 -14.42 0.82 -9.76
C ILE A 9 -13.48 2.02 -10.00
N GLY A 10 -12.20 1.73 -10.20
CA GLY A 10 -11.23 2.76 -10.48
C GLY A 10 -10.86 3.63 -9.29
N MET A 11 -11.24 3.21 -8.08
CA MET A 11 -10.99 3.99 -6.88
C MET A 11 -9.51 4.05 -6.50
N SER A 12 -8.79 2.98 -6.83
CA SER A 12 -7.39 2.84 -6.46
CA SER A 12 -7.38 2.85 -6.47
C SER A 12 -6.61 2.28 -7.66
N PRO A 13 -6.46 3.10 -8.72
CA PRO A 13 -5.93 2.56 -9.99
C PRO A 13 -4.43 2.26 -9.96
N TRP A 14 -3.78 2.63 -8.86
CA TRP A 14 -2.38 2.29 -8.61
C TRP A 14 -2.25 0.97 -7.86
N GLN A 15 -3.35 0.37 -7.43
CA GLN A 15 -3.25 -0.87 -6.68
CA GLN A 15 -3.31 -0.90 -6.71
C GLN A 15 -2.70 -1.99 -7.57
N VAL A 16 -1.75 -2.73 -7.03
CA VAL A 16 -1.14 -3.84 -7.74
C VAL A 16 -1.31 -5.10 -6.91
N MET A 17 -1.56 -6.22 -7.58
CA MET A 17 -1.52 -7.53 -6.94
C MET A 17 -0.23 -8.26 -7.30
N LEU A 18 0.53 -8.66 -6.29
CA LEU A 18 1.66 -9.54 -6.51
CA LEU A 18 1.68 -9.53 -6.49
C LEU A 18 1.14 -10.96 -6.49
N PHE A 19 1.38 -11.69 -7.58
CA PHE A 19 0.75 -12.97 -7.79
C PHE A 19 1.80 -14.06 -7.95
N ARG A 20 1.68 -15.13 -7.17
CA ARG A 20 2.59 -16.25 -7.26
C ARG A 20 2.23 -17.09 -8.47
N LYS A 21 3.23 -17.49 -9.26
CA LYS A 21 2.99 -18.27 -10.47
C LYS A 21 2.61 -19.72 -10.19
N SER A 22 3.26 -20.32 -9.21
CA SER A 22 3.02 -21.73 -8.90
C SER A 22 3.32 -21.98 -7.43
N PRO A 23 2.28 -22.29 -6.63
CA PRO A 23 0.87 -22.33 -7.02
C PRO A 23 0.31 -20.93 -7.23
N GLN A 24 -0.67 -20.80 -8.11
CA GLN A 24 -1.28 -19.51 -8.40
C GLN A 24 -2.05 -19.01 -7.17
N GLU A 25 -1.57 -17.92 -6.58
CA GLU A 25 -2.19 -17.40 -5.37
C GLU A 25 -1.76 -15.95 -5.12
N LEU A 26 -2.55 -15.22 -4.33
CA LEU A 26 -2.18 -13.87 -3.93
C LEU A 26 -0.96 -13.92 -3.01
N LEU A 27 0.05 -13.11 -3.32
CA LEU A 27 1.20 -13.00 -2.44
C LEU A 27 1.17 -11.74 -1.58
N CYS A 28 0.77 -10.63 -2.17
CA CYS A 28 0.84 -9.34 -1.50
C CYS A 28 0.17 -8.30 -2.36
N GLY A 29 -0.02 -7.13 -1.77
CA GLY A 29 -0.33 -5.94 -2.53
C GLY A 29 0.94 -5.19 -2.88
N ALA A 30 0.76 -4.13 -3.63
CA ALA A 30 1.86 -3.31 -4.13
C ALA A 30 1.22 -2.09 -4.78
N SER A 31 2.03 -1.16 -5.29
CA SER A 31 1.48 0.03 -5.92
C SER A 31 2.28 0.43 -7.15
N LEU A 32 1.58 1.03 -8.10
CA LEU A 32 2.19 1.51 -9.33
C LEU A 32 2.66 2.96 -9.15
N ILE A 33 3.96 3.19 -9.33
CA ILE A 33 4.50 4.54 -9.17
C ILE A 33 5.00 5.18 -10.47
N SER A 34 5.09 4.38 -11.54
CA SER A 34 5.38 4.90 -12.87
C SER A 34 5.01 3.80 -13.85
N ASP A 35 5.27 3.99 -15.15
CA ASP A 35 4.89 2.94 -16.08
C ASP A 35 5.78 1.69 -15.99
N ARG A 36 6.87 1.76 -15.22
CA ARG A 36 7.82 0.66 -15.15
C ARG A 36 8.20 0.24 -13.75
N TRP A 37 7.69 0.95 -12.74
CA TRP A 37 8.12 0.69 -11.37
C TRP A 37 6.97 0.43 -10.43
N VAL A 38 7.12 -0.59 -9.60
CA VAL A 38 6.13 -0.99 -8.62
C VAL A 38 6.78 -1.01 -7.24
N LEU A 39 6.07 -0.48 -6.26
CA LEU A 39 6.54 -0.36 -4.88
C LEU A 39 5.82 -1.38 -4.01
N THR A 40 6.56 -2.05 -3.13
CA THR A 40 5.94 -3.01 -2.22
C THR A 40 6.73 -3.07 -0.91
N ALA A 41 6.32 -3.98 -0.01
CA ALA A 41 7.05 -4.23 1.22
C ALA A 41 8.15 -5.24 0.97
N ALA A 42 9.32 -5.02 1.55
CA ALA A 42 10.39 -6.01 1.47
C ALA A 42 9.96 -7.38 1.98
N HIS A 43 9.16 -7.42 3.06
CA HIS A 43 8.80 -8.72 3.64
C HIS A 43 7.90 -9.55 2.72
N CYS A 44 7.32 -8.92 1.70
CA CYS A 44 6.58 -9.64 0.68
C CYS A 44 7.47 -10.53 -0.15
N LEU A 45 8.74 -10.15 -0.25
CA LEU A 45 9.70 -10.85 -1.10
C LEU A 45 10.72 -11.64 -0.28
N LEU A 46 11.08 -11.12 0.88
CA LEU A 46 12.17 -11.70 1.66
C LEU A 46 11.82 -11.73 3.13
N TYR A 47 11.65 -12.92 3.67
CA TYR A 47 11.43 -13.06 5.11
C TYR A 47 11.94 -14.43 5.55
N PRO A 48 13.25 -14.53 5.77
CA PRO A 48 13.89 -15.80 6.14
C PRO A 48 13.28 -16.58 7.31
N PRO A 49 12.78 -15.91 8.38
CA PRO A 49 12.19 -16.73 9.45
C PRO A 49 11.05 -17.64 9.00
N TRP A 50 10.36 -17.28 7.91
CA TRP A 50 9.29 -18.09 7.35
C TRP A 50 9.68 -18.71 6.01
N ASP A 51 10.98 -18.79 5.77
CA ASP A 51 11.51 -19.43 4.56
C ASP A 51 11.01 -18.77 3.28
N LYS A 52 10.87 -17.46 3.33
CA LYS A 52 10.39 -16.72 2.16
C LYS A 52 11.55 -15.98 1.49
N ASN A 53 11.79 -16.29 0.22
CA ASN A 53 12.79 -15.61 -0.57
C ASN A 53 12.47 -15.74 -2.02
N PHE A 54 11.58 -14.89 -2.51
CA PHE A 54 11.14 -14.95 -3.90
C PHE A 54 12.14 -14.31 -4.84
N THR A 55 12.24 -14.87 -6.04
CA THR A 55 13.05 -14.29 -7.10
C THR A 55 12.11 -13.78 -8.20
N GLU A 56 12.65 -13.02 -9.14
CA GLU A 56 11.84 -12.39 -10.20
C GLU A 56 10.92 -13.37 -10.93
N ASN A 57 11.47 -14.52 -11.29
CA ASN A 57 10.72 -15.49 -12.09
C ASN A 57 9.61 -16.20 -11.33
N ASP A 58 9.56 -16.01 -10.02
CA ASP A 58 8.52 -16.66 -9.21
C ASP A 58 7.18 -15.95 -9.30
N LEU A 59 7.19 -14.70 -9.75
CA LEU A 59 6.06 -13.80 -9.53
C LEU A 59 5.57 -13.10 -10.78
N LEU A 60 4.34 -12.62 -10.72
CA LEU A 60 3.81 -11.73 -11.73
C LEU A 60 3.19 -10.54 -11.01
N VAL A 61 3.07 -9.42 -11.70
CA VAL A 61 2.27 -8.32 -11.15
C VAL A 61 1.01 -8.16 -11.99
N ARG A 62 -0.12 -7.97 -11.30
CA ARG A 62 -1.40 -7.81 -11.97
C ARG A 62 -1.95 -6.43 -11.62
N ILE A 63 -2.19 -5.62 -12.64
CA ILE A 63 -2.50 -4.21 -12.45
C ILE A 63 -3.87 -3.92 -13.06
N GLY A 64 -4.63 -3.03 -12.44
CA GLY A 64 -5.97 -2.70 -12.92
C GLY A 64 -7.07 -3.59 -12.39
N LYS A 65 -6.77 -4.37 -11.35
CA LYS A 65 -7.73 -5.36 -10.86
C LYS A 65 -8.77 -4.80 -9.90
N HIS A 66 -9.89 -5.50 -9.83
CA HIS A 66 -10.93 -5.23 -8.87
C HIS A 66 -11.31 -6.54 -8.18
N SER A 67 -11.82 -7.50 -8.95
CA SER A 67 -12.04 -8.84 -8.45
C SER A 67 -10.74 -9.45 -7.93
N ARG A 68 -10.80 -10.15 -6.80
CA ARG A 68 -9.63 -10.85 -6.28
C ARG A 68 -9.21 -12.02 -7.17
N THR A 69 -10.16 -12.91 -7.48
CA THR A 69 -9.79 -14.19 -8.06
C THR A 69 -9.99 -14.31 -9.57
N ARG A 70 -10.79 -13.44 -10.15
N ARG A 70 -10.81 -13.43 -10.13
CA ARG A 70 -11.13 -13.63 -11.54
CA ARG A 70 -11.15 -13.48 -11.56
C ARG A 70 -10.14 -12.94 -12.49
C ARG A 70 -10.00 -13.00 -12.44
N TYR A 71 -9.90 -13.56 -13.64
CA TYR A 71 -9.06 -12.97 -14.66
C TYR A 71 -9.91 -11.92 -15.36
N GLU A 72 -9.55 -10.65 -15.14
CA GLU A 72 -10.39 -9.54 -15.59
C GLU A 72 -10.03 -9.11 -17.00
N ARG A 73 -10.50 -9.92 -17.94
CA ARG A 73 -10.21 -9.77 -19.34
C ARG A 73 -10.56 -8.36 -19.86
N ASN A 74 -9.64 -7.79 -20.62
CA ASN A 74 -9.78 -6.44 -21.21
C ASN A 74 -9.65 -5.29 -20.20
N ILE A 75 -9.32 -5.62 -18.96
CA ILE A 75 -9.22 -4.61 -17.90
C ILE A 75 -7.88 -4.69 -17.20
N GLU A 76 -7.59 -5.82 -16.59
CA GLU A 76 -6.30 -5.97 -15.93
C GLU A 76 -5.20 -6.21 -16.94
N LYS A 77 -3.98 -5.88 -16.54
CA LYS A 77 -2.78 -6.14 -17.32
C LYS A 77 -1.79 -6.87 -16.43
N ILE A 78 -1.11 -7.84 -17.02
CA ILE A 78 -0.19 -8.69 -16.29
C ILE A 78 1.23 -8.45 -16.78
N SER A 79 2.14 -8.17 -15.85
CA SER A 79 3.51 -7.84 -16.18
C SER A 79 4.49 -8.80 -15.53
N MET A 80 5.58 -9.07 -16.23
CA MET A 80 6.67 -9.86 -15.68
C MET A 80 7.69 -8.93 -15.04
N LEU A 81 8.47 -9.46 -14.10
CA LEU A 81 9.47 -8.68 -13.38
CA LEU A 81 9.46 -8.66 -13.40
C LEU A 81 10.84 -8.74 -14.04
N GLU A 82 11.45 -7.57 -14.23
CA GLU A 82 12.84 -7.52 -14.70
C GLU A 82 13.80 -7.68 -13.52
N LYS A 83 13.56 -6.95 -12.44
CA LYS A 83 14.48 -6.95 -11.31
C LYS A 83 13.80 -6.50 -10.03
N ILE A 84 14.16 -7.14 -8.93
CA ILE A 84 13.75 -6.77 -7.59
C ILE A 84 14.90 -6.05 -6.87
N TYR A 85 14.56 -4.97 -6.18
CA TYR A 85 15.52 -4.22 -5.37
C TYR A 85 14.97 -4.10 -3.95
N ILE A 86 15.64 -4.75 -3.00
CA ILE A 86 15.24 -4.66 -1.61
C ILE A 86 16.13 -3.65 -0.90
N HIS A 87 15.57 -2.87 0.01
CA HIS A 87 16.40 -1.91 0.74
C HIS A 87 17.58 -2.63 1.39
N PRO A 88 18.81 -2.10 1.21
CA PRO A 88 19.98 -2.81 1.73
C PRO A 88 20.04 -2.88 3.25
N ARG A 89 19.26 -2.05 3.93
CA ARG A 89 19.21 -2.08 5.40
C ARG A 89 17.84 -2.53 5.92
N TYR A 90 17.07 -3.22 5.07
CA TYR A 90 15.84 -3.87 5.51
C TYR A 90 16.15 -4.83 6.67
N ASN A 91 15.47 -4.62 7.79
CA ASN A 91 15.75 -5.41 8.99
C ASN A 91 14.73 -6.53 9.18
N TRP A 92 14.93 -7.64 8.48
CA TRP A 92 14.05 -8.79 8.65
C TRP A 92 14.35 -9.57 9.92
N ARG A 93 15.52 -9.33 10.51
CA ARG A 93 15.93 -10.07 11.70
CA ARG A 93 15.91 -10.08 11.70
C ARG A 93 15.12 -9.67 12.93
N GLU A 94 14.77 -8.39 13.02
CA GLU A 94 14.17 -7.87 14.24
C GLU A 94 12.74 -7.31 14.10
N ASN A 95 12.60 -6.16 13.44
CA ASN A 95 11.36 -5.41 13.53
C ASN A 95 10.82 -4.89 12.19
N LEU A 96 11.33 -5.43 11.08
CA LEU A 96 10.93 -4.99 9.75
C LEU A 96 11.24 -3.51 9.49
N ASP A 97 12.27 -2.98 10.15
CA ASP A 97 12.72 -1.62 9.85
C ASP A 97 13.08 -1.51 8.37
N ARG A 98 12.64 -0.42 7.74
CA ARG A 98 12.91 -0.16 6.31
C ARG A 98 12.29 -1.25 5.42
N ASP A 99 11.01 -1.52 5.65
CA ASP A 99 10.29 -2.58 4.96
C ASP A 99 9.82 -2.10 3.60
N ILE A 100 10.74 -2.09 2.64
CA ILE A 100 10.46 -1.49 1.34
C ILE A 100 11.25 -2.19 0.24
N ALA A 101 10.61 -2.33 -0.90
CA ALA A 101 11.24 -2.92 -2.08
C ALA A 101 10.64 -2.32 -3.32
N LEU A 102 11.46 -2.28 -4.38
CA LEU A 102 11.01 -1.86 -5.70
C LEU A 102 11.11 -3.02 -6.67
N MET A 103 10.21 -3.04 -7.64
CA MET A 103 10.24 -4.00 -8.71
C MET A 103 10.16 -3.27 -10.03
N LYS A 104 11.15 -3.51 -10.91
CA LYS A 104 11.13 -2.95 -12.24
C LYS A 104 10.46 -3.95 -13.18
N LEU A 105 9.52 -3.47 -13.98
CA LEU A 105 8.80 -4.32 -14.92
C LEU A 105 9.61 -4.53 -16.19
N LYS A 106 9.41 -5.68 -16.85
CA LYS A 106 10.12 -5.98 -18.08
C LYS A 106 9.73 -5.02 -19.20
N LYS A 107 8.47 -4.61 -19.22
CA LYS A 107 7.96 -3.71 -20.25
C LYS A 107 7.04 -2.70 -19.59
N PRO A 108 6.95 -1.49 -20.14
CA PRO A 108 6.06 -0.49 -19.55
C PRO A 108 4.59 -0.92 -19.64
N VAL A 109 3.80 -0.58 -18.63
CA VAL A 109 2.38 -0.88 -18.66
C VAL A 109 1.63 0.32 -19.24
N ALA A 110 0.60 0.05 -20.03
CA ALA A 110 -0.21 1.12 -20.58
C ALA A 110 -1.21 1.60 -19.54
N PHE A 111 -1.26 2.91 -19.32
CA PHE A 111 -2.24 3.44 -18.38
C PHE A 111 -3.62 3.39 -19.02
N SER A 112 -4.66 3.38 -18.19
CA SER A 112 -6.03 3.29 -18.64
C SER A 112 -6.93 3.87 -17.56
N ASP A 113 -8.24 3.74 -17.71
CA ASP A 113 -9.16 4.16 -16.66
C ASP A 113 -8.92 3.43 -15.34
N TYR A 114 -8.32 2.25 -15.42
CA TYR A 114 -8.16 1.35 -14.26
C TYR A 114 -6.73 1.24 -13.80
N ILE A 115 -5.80 1.84 -14.55
CA ILE A 115 -4.38 1.70 -14.30
C ILE A 115 -3.72 3.08 -14.35
N HIS A 116 -3.24 3.55 -13.22
CA HIS A 116 -2.70 4.91 -13.15
C HIS A 116 -1.81 5.02 -11.92
N PRO A 117 -0.67 5.73 -12.04
CA PRO A 117 0.27 5.77 -10.91
C PRO A 117 -0.13 6.74 -9.79
N VAL A 118 0.28 6.40 -8.57
CA VAL A 118 0.14 7.26 -7.41
C VAL A 118 1.37 8.17 -7.30
N CYS A 119 1.22 9.32 -6.64
CA CYS A 119 2.38 10.18 -6.36
C CYS A 119 3.15 9.74 -5.13
N LEU A 120 4.45 10.01 -5.13
CA LEU A 120 5.23 9.84 -3.91
C LEU A 120 5.38 11.23 -3.29
N PRO A 121 5.34 11.30 -1.96
CA PRO A 121 5.33 12.60 -1.28
C PRO A 121 6.67 13.31 -1.29
N ASP A 122 6.60 14.64 -1.40
CA ASP A 122 7.71 15.54 -1.12
C ASP A 122 7.76 15.78 0.39
N ARG A 123 8.83 16.43 0.86
CA ARG A 123 8.99 16.69 2.29
C ARG A 123 7.83 17.49 2.87
N GLU A 124 7.38 18.49 2.11
CA GLU A 124 6.36 19.40 2.60
C GLU A 124 4.98 18.75 2.70
N THR A 125 4.62 17.99 1.67
CA THR A 125 3.36 17.27 1.72
C THR A 125 3.37 16.27 2.87
N ALA A 126 4.51 15.60 3.06
CA ALA A 126 4.63 14.66 4.18
C ALA A 126 4.48 15.36 5.52
N ALA A 127 5.16 16.48 5.70
CA ALA A 127 5.09 17.20 6.96
C ALA A 127 3.68 17.70 7.23
N SER A 128 3.00 18.13 6.18
CA SER A 128 1.67 18.68 6.32
CA SER A 128 1.66 18.68 6.31
C SER A 128 0.63 17.62 6.67
N LEU A 129 0.76 16.43 6.07
CA LEU A 129 -0.29 15.42 6.19
C LEU A 129 -0.04 14.30 7.20
N LEU A 130 1.21 14.01 7.50
CA LEU A 130 1.51 12.93 8.44
C LEU A 130 1.41 13.40 9.87
N GLN A 131 0.17 13.63 10.30
CA GLN A 131 -0.11 14.17 11.63
C GLN A 131 -1.15 13.31 12.29
N ALA A 132 -1.04 13.16 13.61
CA ALA A 132 -1.99 12.36 14.36
C ALA A 132 -3.40 12.87 14.13
N GLY A 133 -4.31 11.94 13.84
CA GLY A 133 -5.70 12.28 13.60
C GLY A 133 -6.05 12.40 12.12
N TYR A 134 -5.07 12.73 11.30
CA TYR A 134 -5.30 12.84 9.86
C TYR A 134 -5.51 11.44 9.30
N LYS A 135 -6.50 11.27 8.43
CA LYS A 135 -6.81 9.95 7.92
C LYS A 135 -6.19 9.65 6.57
N GLY A 136 -5.77 8.41 6.42
CA GLY A 136 -5.36 7.89 5.14
C GLY A 136 -6.23 6.71 4.77
N ARG A 137 -5.93 6.10 3.63
CA ARG A 137 -6.75 5.04 3.08
C ARG A 137 -5.89 3.85 2.72
N VAL A 138 -6.33 2.68 3.13
CA VAL A 138 -5.60 1.46 2.76
CA VAL A 138 -5.62 1.43 2.83
C VAL A 138 -6.51 0.55 1.98
N THR A 139 -5.93 -0.12 0.99
CA THR A 139 -6.70 -0.99 0.11
C THR A 139 -5.98 -2.33 -0.05
N GLY A 140 -6.74 -3.38 -0.29
CA GLY A 140 -6.13 -4.67 -0.53
C GLY A 140 -7.10 -5.82 -0.63
N TRP A 141 -6.58 -6.98 -1.02
CA TRP A 141 -7.37 -8.20 -1.15
C TRP A 141 -7.07 -9.20 -0.04
N GLY A 142 -6.49 -8.71 1.05
CA GLY A 142 -6.13 -9.56 2.18
C GLY A 142 -7.32 -10.02 3.01
N ASN A 143 -7.02 -10.74 4.10
CA ASN A 143 -8.04 -11.34 4.95
C ASN A 143 -9.07 -10.35 5.44
N LEU A 144 -10.32 -10.79 5.53
CA LEU A 144 -11.39 -9.97 6.08
C LEU A 144 -11.41 -10.08 7.61
N LYS A 145 -10.74 -11.10 8.14
CA LYS A 145 -10.67 -11.33 9.57
C LYS A 145 -9.31 -11.92 9.91
N GLU A 146 -8.86 -11.70 11.13
CA GLU A 146 -7.57 -12.21 11.58
C GLU A 146 -7.49 -13.72 11.39
N THR A 147 -8.54 -14.42 11.82
CA THR A 147 -8.64 -15.85 11.65
C THR A 147 -9.83 -16.20 10.77
N GLY A 155 -13.90 -14.90 5.04
CA GLY A 155 -12.47 -15.12 5.00
C GLY A 155 -11.72 -14.22 4.04
N GLN A 156 -11.95 -14.43 2.75
CA GLN A 156 -11.27 -13.66 1.71
C GLN A 156 -12.31 -12.93 0.85
N PRO A 157 -12.00 -11.70 0.44
CA PRO A 157 -13.01 -10.88 -0.26
C PRO A 157 -13.19 -11.23 -1.72
N SER A 158 -14.39 -10.98 -2.24
CA SER A 158 -14.64 -11.11 -3.67
C SER A 158 -13.94 -10.02 -4.47
N VAL A 159 -13.93 -8.79 -3.95
CA VAL A 159 -13.32 -7.66 -4.64
C VAL A 159 -12.45 -6.85 -3.69
N LEU A 160 -11.64 -5.97 -4.28
CA LEU A 160 -10.76 -5.07 -3.55
C LEU A 160 -11.50 -4.37 -2.42
N GLN A 161 -10.89 -4.35 -1.24
CA GLN A 161 -11.47 -3.69 -0.07
C GLN A 161 -10.74 -2.40 0.25
N VAL A 162 -11.45 -1.51 0.92
CA VAL A 162 -10.94 -0.19 1.27
C VAL A 162 -11.33 0.16 2.70
N VAL A 163 -10.43 0.82 3.43
CA VAL A 163 -10.77 1.37 4.73
C VAL A 163 -9.97 2.64 4.98
N ASN A 164 -10.62 3.63 5.59
CA ASN A 164 -9.97 4.88 5.95
C ASN A 164 -9.62 4.84 7.44
N LEU A 165 -8.40 5.22 7.78
CA LEU A 165 -7.91 5.07 9.15
C LEU A 165 -7.08 6.27 9.58
N PRO A 166 -7.24 6.71 10.84
CA PRO A 166 -6.46 7.86 11.31
C PRO A 166 -5.04 7.50 11.72
N ILE A 167 -4.09 8.36 11.38
CA ILE A 167 -2.74 8.26 11.91
C ILE A 167 -2.76 8.44 13.43
N VAL A 168 -1.93 7.67 14.13
CA VAL A 168 -1.92 7.67 15.59
C VAL A 168 -0.64 8.32 16.14
N GLU A 169 -0.79 9.02 17.27
CA GLU A 169 0.33 9.62 17.98
C GLU A 169 1.44 8.61 18.23
N ARG A 170 2.68 9.00 17.98
CA ARG A 170 3.80 8.06 18.12
CA ARG A 170 3.81 8.06 18.11
C ARG A 170 3.93 7.40 19.50
N PRO A 171 3.72 8.17 20.60
CA PRO A 171 3.81 7.48 21.89
C PRO A 171 2.73 6.42 22.07
N VAL A 172 1.56 6.62 21.48
CA VAL A 172 0.50 5.62 21.56
C VAL A 172 0.87 4.39 20.74
N CYS A 173 1.44 4.62 19.55
CA CYS A 173 1.98 3.50 18.76
C CYS A 173 3.00 2.69 19.56
N LYS A 174 3.96 3.38 20.17
CA LYS A 174 5.03 2.73 20.92
C LYS A 174 4.48 1.94 22.10
N ASP A 175 3.48 2.50 22.78
CA ASP A 175 2.92 1.88 23.98
C ASP A 175 1.98 0.73 23.70
N SER A 176 1.69 0.48 22.43
CA SER A 176 0.75 -0.57 22.05
C SER A 176 1.43 -1.90 21.77
N THR A 177 2.77 -1.91 21.80
CA THR A 177 3.51 -3.07 21.32
C THR A 177 4.83 -3.23 22.06
N ARG A 178 5.38 -4.44 22.04
CA ARG A 178 6.71 -4.70 22.57
C ARG A 178 7.78 -4.59 21.50
N ILE A 179 7.35 -4.53 20.24
CA ILE A 179 8.25 -4.41 19.10
CA ILE A 179 8.28 -4.43 19.13
C ILE A 179 8.88 -3.03 19.09
N ARG A 180 10.18 -2.96 18.78
CA ARG A 180 10.87 -1.67 18.71
C ARG A 180 10.43 -0.89 17.47
N ILE A 181 9.80 0.25 17.67
CA ILE A 181 9.33 1.11 16.58
CA ILE A 181 9.39 1.02 16.51
C ILE A 181 10.47 2.04 16.16
N THR A 182 10.52 2.41 14.89
CA THR A 182 11.52 3.35 14.41
C THR A 182 10.88 4.50 13.64
N ASP A 183 11.67 5.53 13.36
CA ASP A 183 11.21 6.67 12.57
C ASP A 183 10.83 6.28 11.14
N ASN A 184 11.20 5.07 10.72
CA ASN A 184 10.84 4.59 9.37
C ASN A 184 9.49 3.90 9.34
N MET A 185 8.75 4.03 10.44
CA MET A 185 7.43 3.44 10.58
C MET A 185 6.46 4.50 11.11
N PHE A 186 5.18 4.35 10.77
CA PHE A 186 4.14 5.06 11.50
C PHE A 186 3.00 4.09 11.74
N CYS A 187 2.09 4.42 12.66
CA CYS A 187 0.94 3.54 12.87
C CYS A 187 -0.38 4.28 12.70
N ALA A 188 -1.44 3.51 12.42
CA ALA A 188 -2.75 4.07 12.14
C ALA A 188 -3.83 3.10 12.59
N GLY A 189 -5.00 3.65 12.91
CA GLY A 189 -6.13 2.86 13.35
C GLY A 189 -6.90 3.60 14.42
N TYR A 190 -8.09 3.11 14.73
CA TYR A 190 -8.89 3.71 15.78
C TYR A 190 -8.54 3.15 17.16
N LYS A 191 -8.75 3.98 18.17
CA LYS A 191 -8.53 3.57 19.54
C LYS A 191 -9.78 2.85 20.03
N PRO A 192 -9.64 2.03 21.09
CA PRO A 192 -10.80 1.33 21.65
C PRO A 192 -11.96 2.28 21.98
N ASP A 193 -11.63 3.46 22.53
CA ASP A 193 -12.65 4.43 22.93
C ASP A 193 -13.46 4.99 21.75
N GLU A 194 -12.83 5.09 20.58
CA GLU A 194 -13.50 5.62 19.41
C GLU A 194 -14.57 4.64 18.92
N GLY A 195 -15.55 5.14 18.17
CA GLY A 195 -16.70 4.32 17.79
C GLY A 195 -16.59 3.63 16.44
N LYS A 196 -15.35 3.46 15.97
CA LYS A 196 -15.11 2.86 14.67
C LYS A 196 -13.93 1.90 14.77
N ARG A 197 -13.78 1.04 13.77
CA ARG A 197 -12.62 0.15 13.74
C ARG A 197 -12.15 -0.09 12.31
N GLY A 198 -11.31 -1.09 12.10
CA GLY A 198 -10.76 -1.34 10.79
C GLY A 198 -9.24 -1.47 10.83
N ASP A 199 -8.71 -2.27 9.93
CA ASP A 199 -7.27 -2.52 9.90
C ASP A 199 -6.93 -3.20 8.59
N ALA A 200 -5.66 -3.12 8.21
CA ALA A 200 -5.13 -4.02 7.20
C ALA A 200 -4.94 -5.40 7.83
N CYS A 201 -4.66 -6.40 7.00
CA CYS A 201 -4.42 -7.74 7.52
C CYS A 201 -3.48 -8.51 6.59
N GLU A 202 -3.17 -9.75 6.95
CA GLU A 202 -2.42 -10.65 6.09
C GLU A 202 -2.96 -10.61 4.66
N GLY A 203 -2.05 -10.47 3.69
CA GLY A 203 -2.44 -10.38 2.30
C GLY A 203 -2.56 -8.95 1.78
N ASP A 204 -2.80 -8.00 2.69
CA ASP A 204 -2.79 -6.57 2.33
C ASP A 204 -1.37 -6.04 2.31
N SER A 205 -0.48 -6.77 2.96
CA SER A 205 0.98 -6.52 2.98
C SER A 205 1.49 -5.94 1.69
N GLY A 206 2.26 -4.86 1.76
CA GLY A 206 2.88 -4.33 0.58
C GLY A 206 2.03 -3.31 -0.16
N GLY A 207 0.73 -3.26 0.15
CA GLY A 207 -0.17 -2.30 -0.46
C GLY A 207 -0.02 -0.90 0.11
N PRO A 208 -0.71 0.05 -0.51
CA PRO A 208 -0.48 1.46 -0.19
C PRO A 208 -1.41 2.03 0.88
N PHE A 209 -0.85 2.92 1.70
CA PHE A 209 -1.60 3.80 2.58
C PHE A 209 -1.50 5.17 1.91
N VAL A 210 -2.62 5.67 1.41
CA VAL A 210 -2.63 6.89 0.62
C VAL A 210 -3.40 8.03 1.31
N MET A 211 -3.07 9.27 0.93
CA MET A 211 -3.74 10.45 1.45
C MET A 211 -3.98 11.38 0.28
N LYS A 212 -5.13 12.06 0.27
CA LYS A 212 -5.42 12.99 -0.82
C LYS A 212 -5.05 14.40 -0.38
N SER A 213 -4.04 14.98 -1.02
CA SER A 213 -3.62 16.32 -0.62
C SER A 213 -4.73 17.34 -0.83
N PRO A 214 -5.05 18.10 0.23
CA PRO A 214 -6.08 19.15 0.05
C PRO A 214 -5.51 20.39 -0.66
N PHE A 215 -4.21 20.40 -0.91
CA PHE A 215 -3.56 21.53 -1.57
C PHE A 215 -3.63 21.42 -3.08
N ASN A 216 -3.41 20.20 -3.61
CA ASN A 216 -3.38 20.03 -5.06
C ASN A 216 -4.31 18.92 -5.55
N ASN A 217 -5.09 18.34 -4.64
CA ASN A 217 -6.09 17.33 -4.96
C ASN A 217 -5.53 16.06 -5.62
N ARG A 218 -4.27 15.75 -5.33
CA ARG A 218 -3.64 14.53 -5.81
C ARG A 218 -3.47 13.53 -4.67
N TRP A 219 -3.53 12.25 -5.04
CA TRP A 219 -3.27 11.18 -4.08
C TRP A 219 -1.79 10.88 -3.95
N TYR A 220 -1.34 10.79 -2.70
CA TYR A 220 0.05 10.51 -2.36
C TYR A 220 0.15 9.24 -1.55
N GLN A 221 1.14 8.43 -1.84
CA GLN A 221 1.38 7.23 -1.03
C GLN A 221 2.32 7.54 0.13
N MET A 222 1.76 7.60 1.33
CA MET A 222 2.54 7.93 2.52
C MET A 222 3.10 6.70 3.19
N GLY A 223 2.43 5.55 3.02
CA GLY A 223 2.84 4.35 3.74
C GLY A 223 2.72 3.08 2.90
N ILE A 224 3.36 2.03 3.38
CA ILE A 224 3.23 0.67 2.82
C ILE A 224 2.77 -0.23 3.95
N VAL A 225 1.76 -1.05 3.72
CA VAL A 225 1.30 -2.01 4.74
C VAL A 225 2.45 -2.93 5.13
N SER A 226 2.85 -2.86 6.40
CA SER A 226 4.07 -3.53 6.85
C SER A 226 3.81 -4.63 7.89
N TRP A 227 3.24 -4.27 9.04
CA TRP A 227 3.10 -5.26 10.11
C TRP A 227 2.01 -4.90 11.10
N GLY A 228 1.60 -5.88 11.88
CA GLY A 228 0.59 -5.68 12.90
C GLY A 228 0.45 -6.95 13.71
N GLU A 229 0.05 -6.80 14.96
CA GLU A 229 -0.12 -7.95 15.83
C GLU A 229 -1.55 -8.43 15.71
N GLY A 230 -1.76 -9.49 14.95
CA GLY A 230 -3.10 -9.88 14.57
C GLY A 230 -3.69 -8.85 13.61
N CYS A 231 -5.02 -8.75 13.57
CA CYS A 231 -5.68 -7.73 12.75
C CYS A 231 -6.90 -7.19 13.48
N ASP A 232 -7.02 -5.87 13.51
CA ASP A 232 -8.18 -5.17 14.09
C ASP A 232 -8.42 -5.52 15.56
N ARG A 233 -7.34 -5.77 16.29
CA ARG A 233 -7.47 -6.01 17.74
C ARG A 233 -7.60 -4.69 18.47
N ASP A 234 -8.47 -4.65 19.48
CA ASP A 234 -8.55 -3.47 20.33
C ASP A 234 -7.19 -3.18 20.96
N GLY A 235 -6.74 -1.94 20.86
CA GLY A 235 -5.51 -1.53 21.50
C GLY A 235 -4.25 -1.80 20.70
N LYS A 236 -4.42 -2.42 19.53
CA LYS A 236 -3.32 -2.62 18.60
C LYS A 236 -3.54 -1.71 17.41
N TYR A 237 -2.47 -1.44 16.66
CA TYR A 237 -2.53 -0.57 15.50
C TYR A 237 -1.79 -1.21 14.36
N GLY A 238 -2.12 -0.80 13.14
CA GLY A 238 -1.39 -1.25 11.98
C GLY A 238 -0.15 -0.39 11.80
N PHE A 239 0.95 -1.02 11.41
CA PHE A 239 2.19 -0.30 11.16
C PHE A 239 2.53 -0.25 9.67
N TYR A 240 3.07 0.89 9.25
CA TYR A 240 3.27 1.21 7.85
C TYR A 240 4.67 1.74 7.66
N THR A 241 5.31 1.32 6.56
CA THR A 241 6.60 1.88 6.18
C THR A 241 6.42 3.34 5.82
N HIS A 242 7.29 4.19 6.38
CA HIS A 242 7.24 5.64 6.15
C HIS A 242 7.92 5.95 4.81
N VAL A 243 7.11 6.07 3.75
CA VAL A 243 7.64 6.19 2.40
C VAL A 243 8.54 7.41 2.22
N PHE A 244 8.12 8.56 2.73
CA PHE A 244 8.97 9.74 2.56
C PHE A 244 10.35 9.55 3.16
N ARG A 245 10.42 8.96 4.35
CA ARG A 245 11.71 8.77 5.02
C ARG A 245 12.68 7.93 4.20
N LEU A 246 12.15 7.10 3.31
CA LEU A 246 12.96 6.21 2.50
C LEU A 246 13.00 6.64 1.03
N LYS A 247 12.52 7.84 0.74
CA LYS A 247 12.42 8.28 -0.64
C LYS A 247 13.78 8.49 -1.30
N LYS A 248 14.79 8.87 -0.52
CA LYS A 248 16.13 9.03 -1.09
C LYS A 248 16.63 7.72 -1.68
N TRP A 249 16.33 6.60 -1.02
CA TRP A 249 16.69 5.31 -1.56
C TRP A 249 15.90 4.97 -2.82
N ILE A 250 14.59 5.24 -2.79
CA ILE A 250 13.75 5.03 -3.97
C ILE A 250 14.31 5.77 -5.18
N GLN A 251 14.64 7.05 -4.97
CA GLN A 251 15.17 7.89 -6.03
C GLN A 251 16.51 7.36 -6.54
N LYS A 252 17.36 6.90 -5.63
CA LYS A 252 18.68 6.40 -6.02
C LYS A 252 18.55 5.18 -6.91
N VAL A 253 17.63 4.28 -6.56
CA VAL A 253 17.42 3.07 -7.34
C VAL A 253 16.88 3.40 -8.74
N ILE A 254 15.89 4.26 -8.80
CA ILE A 254 15.29 4.61 -10.07
C ILE A 254 16.27 5.40 -10.95
N ASP A 255 17.05 6.28 -10.34
CA ASP A 255 18.03 7.06 -11.09
C ASP A 255 19.14 6.18 -11.66
N GLN A 256 19.50 5.14 -10.92
CA GLN A 256 20.60 4.27 -11.32
C GLN A 256 20.16 3.20 -12.32
N PHE A 257 18.97 2.64 -12.10
CA PHE A 257 18.54 1.47 -12.85
C PHE A 257 17.37 1.73 -13.79
N GLY A 258 16.82 2.94 -13.74
CA GLY A 258 15.69 3.29 -14.57
C GLY A 258 16.08 3.60 -16.00
N LEU B 11 2.79 -16.99 -18.47
CA LEU B 11 3.49 -17.98 -17.66
C LEU B 11 4.69 -18.59 -18.38
N GLN B 12 4.92 -18.15 -19.62
CA GLN B 12 6.02 -18.69 -20.42
C GLN B 12 7.35 -18.06 -20.03
N ALA C 2 3.95 13.39 -14.08
CA ALA C 2 3.30 14.69 -14.00
C ALA C 2 1.79 14.56 -13.73
N ASP C 3 1.23 13.42 -14.11
CA ASP C 3 -0.19 13.19 -13.96
C ASP C 3 -0.50 12.27 -12.76
N CYS C 4 0.51 12.05 -11.93
CA CYS C 4 0.35 11.09 -10.85
C CYS C 4 -0.77 11.49 -9.90
N GLY C 5 -1.42 10.49 -9.32
CA GLY C 5 -2.35 10.74 -8.23
C GLY C 5 -3.69 11.35 -8.63
N LEU C 6 -3.94 11.47 -9.93
CA LEU C 6 -5.22 11.96 -10.43
C LEU C 6 -5.94 10.81 -11.13
N ARG C 7 -7.02 10.31 -10.53
CA ARG C 7 -7.66 9.10 -11.03
C ARG C 7 -8.54 9.39 -12.25
N PRO C 8 -8.39 8.59 -13.31
CA PRO C 8 -9.22 8.78 -14.50
C PRO C 8 -10.73 8.80 -14.22
N LEU C 9 -11.20 7.98 -13.30
CA LEU C 9 -12.63 7.89 -13.08
C LEU C 9 -13.14 8.80 -11.96
N PHE C 10 -12.23 9.56 -11.36
CA PHE C 10 -12.60 10.47 -10.29
C PHE C 10 -12.06 11.88 -10.54
N GLU C 11 -10.85 12.19 -10.08
CA GLU C 11 -10.33 13.54 -10.26
C GLU C 11 -10.35 14.03 -11.71
N LYS C 12 -10.02 13.15 -12.65
CA LYS C 12 -9.93 13.57 -14.05
CA LYS C 12 -9.94 13.57 -14.05
C LYS C 12 -11.29 14.01 -14.61
N LYS C 13 -12.36 13.50 -13.99
N LYS C 13 -12.37 13.50 -14.03
CA LYS C 13 -13.74 13.77 -14.41
CA LYS C 13 -13.71 13.89 -14.49
C LYS C 13 -14.47 14.71 -13.45
C LYS C 13 -14.49 14.62 -13.40
N SER C 14 -13.77 15.13 -12.39
CA SER C 14 -14.39 15.86 -11.28
C SER C 14 -15.55 15.10 -10.62
N LEU C 15 -15.33 13.82 -10.36
CA LEU C 15 -16.24 13.02 -9.55
C LEU C 15 -15.53 12.63 -8.27
N GLU C 16 -16.26 12.64 -7.17
CA GLU C 16 -15.72 12.23 -5.88
C GLU C 16 -16.15 10.82 -5.55
N ASP C 17 -15.26 10.07 -4.90
CA ASP C 17 -15.64 8.76 -4.42
C ASP C 17 -16.44 8.89 -3.13
N LYS C 18 -17.03 7.78 -2.68
CA LYS C 18 -18.01 7.85 -1.60
C LYS C 18 -17.45 8.24 -0.24
N THR C 19 -16.15 8.11 -0.02
CA THR C 19 -15.61 8.38 1.31
C THR C 19 -14.41 9.31 1.36
N GLU C 20 -13.98 9.86 0.22
CA GLU C 20 -12.83 10.74 0.25
C GLU C 20 -13.06 11.98 1.12
N ARG C 21 -14.31 12.41 1.23
CA ARG C 21 -14.62 13.55 2.09
C ARG C 21 -14.22 13.29 3.55
N GLU C 22 -14.30 12.03 3.99
CA GLU C 22 -13.89 11.66 5.34
C GLU C 22 -12.42 12.02 5.58
N LEU C 23 -11.60 11.82 4.55
CA LEU C 23 -10.19 12.17 4.66
C LEU C 23 -10.03 13.68 4.76
N LEU C 24 -10.67 14.41 3.85
CA LEU C 24 -10.56 15.87 3.85
C LEU C 24 -10.98 16.47 5.19
N GLU C 25 -12.06 15.95 5.74
CA GLU C 25 -12.57 16.46 7.02
C GLU C 25 -11.61 16.27 8.18
N SER C 26 -10.72 15.29 8.06
CA SER C 26 -9.73 15.04 9.10
C SER C 26 -8.51 15.96 8.98
N TYR C 27 -8.38 16.64 7.84
CA TYR C 27 -7.18 17.44 7.58
C TYR C 27 -7.38 18.87 8.07
N ILE C 28 -6.92 19.15 9.28
CA ILE C 28 -6.98 20.50 9.82
C ILE C 28 -5.83 21.36 9.26
#